data_6HDG
#
_entry.id   6HDG
#
_cell.length_a   37.560
_cell.length_b   55.080
_cell.length_c   105.840
_cell.angle_alpha   90.00
_cell.angle_beta   90.00
_cell.angle_gamma   90.00
#
_symmetry.space_group_name_H-M   'P 21 21 21'
#
loop_
_entity.id
_entity.type
_entity.pdbx_description
1 polymer Beta-phosphoglucomutase
2 non-polymer 1-O-phosphono-beta-D-glucopyranose
3 non-polymer 1,2-ETHANEDIOL
4 non-polymer 'SODIUM ION'
5 water water
#
_entity_poly.entity_id   1
_entity_poly.type   'polypeptide(L)'
_entity_poly.pdbx_seq_one_letter_code
;MFKAVLFDLDGVITDTAEYHFRAWKALAEEIGINGVDRQFNEQLKGVSREDSLQKILDLADKKVSAEEFKELAKRKNDNY
VKMIQDVSPADVYPGILQLLKDLRSNKIKIALASASKNGPFLLERMNLTGYFDAIADPAEVAASKPAPDIFIAAAHAVGV
APSESIGLENSQAGIQAIKDSGALPIGVGRPEDLGDDIVIVPDTSHYTLEFLKEVWLQKQK
;
_entity_poly.pdbx_strand_id   A
#
# COMPACT_ATOMS: atom_id res chain seq x y z
N MET A 1 -5.38 13.16 21.49
CA MET A 1 -4.31 13.00 20.45
CA MET A 1 -4.37 13.02 20.39
C MET A 1 -4.37 11.56 19.89
N PHE A 2 -3.99 11.36 18.62
CA PHE A 2 -3.89 10.00 18.09
C PHE A 2 -2.72 9.26 18.75
N LYS A 3 -2.83 7.91 18.78
CA LYS A 3 -1.87 7.07 19.49
C LYS A 3 -1.07 6.15 18.55
N ALA A 4 -1.46 6.05 17.26
CA ALA A 4 -0.76 5.20 16.27
C ALA A 4 -0.88 5.83 14.88
N VAL A 5 0.13 5.55 14.04
CA VAL A 5 0.07 5.82 12.60
C VAL A 5 0.28 4.49 11.85
N LEU A 6 -0.67 4.20 10.94
CA LEU A 6 -0.72 2.95 10.18
C LEU A 6 -0.32 3.28 8.72
N PHE A 7 0.89 2.84 8.34
CA PHE A 7 1.49 3.17 7.03
C PHE A 7 1.18 2.08 6.00
N ASP A 8 0.67 2.44 4.82
CA ASP A 8 0.90 1.57 3.63
C ASP A 8 2.37 1.71 3.22
N LEU A 9 2.84 0.81 2.33
CA LEU A 9 4.25 0.84 1.88
C LEU A 9 4.37 1.45 0.49
N ASP A 10 3.85 0.74 -0.52
CA ASP A 10 4.06 1.15 -1.94
C ASP A 10 3.38 2.50 -2.22
N GLY A 11 4.17 3.46 -2.73
CA GLY A 11 3.68 4.84 -3.00
C GLY A 11 3.58 5.76 -1.77
N VAL A 12 3.94 5.27 -0.57
CA VAL A 12 3.92 6.08 0.69
C VAL A 12 5.35 6.14 1.26
N ILE A 13 5.97 4.98 1.50
CA ILE A 13 7.34 4.93 2.03
C ILE A 13 8.39 5.08 0.92
N THR A 14 8.10 4.54 -0.27
CA THR A 14 9.04 4.54 -1.42
C THR A 14 8.23 4.33 -2.71
N ASP A 15 8.89 4.56 -3.86
CA ASP A 15 8.23 4.52 -5.20
C ASP A 15 8.14 3.09 -5.78
N THR A 16 7.79 2.09 -4.97
CA THR A 16 7.69 0.70 -5.48
C THR A 16 6.39 0.48 -6.24
N ALA A 17 5.38 1.35 -6.09
CA ALA A 17 4.18 1.24 -6.95
C ALA A 17 4.58 1.37 -8.45
N GLU A 18 5.62 2.17 -8.77
CA GLU A 18 6.11 2.27 -10.16
C GLU A 18 6.55 0.89 -10.68
N TYR A 19 7.29 0.14 -9.85
CA TYR A 19 7.82 -1.19 -10.27
C TYR A 19 6.70 -2.23 -10.38
N HIS A 20 5.71 -2.21 -9.47
CA HIS A 20 4.55 -3.11 -9.62
C HIS A 20 3.84 -2.85 -10.96
N PHE A 21 3.64 -1.56 -11.28
CA PHE A 21 2.99 -1.18 -12.56
C PHE A 21 3.78 -1.76 -13.76
N ARG A 22 5.10 -1.50 -13.80
CA ARG A 22 5.90 -1.95 -14.94
C ARG A 22 5.87 -3.47 -15.06
N ALA A 23 5.93 -4.19 -13.93
CA ALA A 23 5.95 -5.67 -13.96
C ALA A 23 4.58 -6.22 -14.42
N TRP A 24 3.48 -5.68 -13.90
CA TRP A 24 2.13 -6.15 -14.33
C TRP A 24 1.86 -5.84 -15.81
N LYS A 25 2.29 -4.64 -16.27
CA LYS A 25 2.10 -4.29 -17.70
C LYS A 25 2.86 -5.29 -18.60
N ALA A 26 4.10 -5.64 -18.22
CA ALA A 26 4.90 -6.61 -19.02
C ALA A 26 4.18 -7.97 -19.04
N LEU A 27 3.66 -8.43 -17.91
CA LEU A 27 2.95 -9.72 -17.83
C LEU A 27 1.71 -9.71 -18.74
N ALA A 28 0.90 -8.66 -18.61
CA ALA A 28 -0.34 -8.54 -19.38
C ALA A 28 -0.03 -8.61 -20.88
N GLU A 29 0.97 -7.83 -21.35
CA GLU A 29 1.28 -7.77 -22.79
C GLU A 29 1.79 -9.13 -23.29
N GLU A 30 2.52 -9.90 -22.45
CA GLU A 30 2.99 -11.26 -22.84
C GLU A 30 1.81 -12.18 -23.18
N ILE A 31 0.66 -11.99 -22.51
CA ILE A 31 -0.52 -12.85 -22.72
C ILE A 31 -1.55 -12.18 -23.63
N GLY A 32 -1.18 -11.06 -24.29
CA GLY A 32 -2.01 -10.43 -25.31
C GLY A 32 -3.06 -9.44 -24.78
N ILE A 33 -2.89 -8.94 -23.55
CA ILE A 33 -3.77 -7.96 -22.88
C ILE A 33 -3.03 -6.61 -22.85
N ASN A 34 -3.57 -5.59 -23.54
CA ASN A 34 -2.86 -4.33 -23.77
C ASN A 34 -3.44 -3.16 -22.96
N GLY A 35 -4.46 -3.40 -22.13
CA GLY A 35 -5.17 -2.31 -21.40
C GLY A 35 -4.56 -1.88 -20.07
N VAL A 36 -3.41 -2.43 -19.64
CA VAL A 36 -2.77 -1.97 -18.37
C VAL A 36 -1.91 -0.72 -18.69
N ASP A 37 -2.56 0.44 -18.65
CA ASP A 37 -1.89 1.76 -18.72
C ASP A 37 -1.93 2.39 -17.32
N ARG A 38 -1.37 3.59 -17.18
CA ARG A 38 -1.28 4.21 -15.84
C ARG A 38 -2.66 4.41 -15.25
N GLN A 39 -3.63 4.82 -16.06
CA GLN A 39 -5.01 5.05 -15.54
C GLN A 39 -5.60 3.74 -14.99
N PHE A 40 -5.53 2.65 -15.77
CA PHE A 40 -6.07 1.38 -15.30
C PHE A 40 -5.35 0.93 -14.02
N ASN A 41 -4.03 1.15 -13.97
CA ASN A 41 -3.19 0.73 -12.84
C ASN A 41 -3.68 1.31 -11.50
N GLU A 42 -4.43 2.42 -11.50
CA GLU A 42 -5.01 2.91 -10.21
C GLU A 42 -5.87 1.81 -9.53
N GLN A 43 -6.46 0.89 -10.31
CA GLN A 43 -7.29 -0.23 -9.78
C GLN A 43 -6.43 -1.37 -9.22
N LEU A 44 -5.14 -1.41 -9.57
CA LEU A 44 -4.18 -2.43 -9.16
C LEU A 44 -3.37 -2.00 -7.93
N LYS A 45 -3.46 -0.73 -7.51
CA LYS A 45 -2.79 -0.24 -6.30
C LYS A 45 -3.55 -0.69 -5.06
N GLY A 46 -2.82 -1.09 -4.03
CA GLY A 46 -3.44 -1.44 -2.73
C GLY A 46 -3.97 -2.88 -2.60
N VAL A 47 -4.32 -3.54 -3.70
CA VAL A 47 -4.99 -4.84 -3.58
C VAL A 47 -3.95 -5.98 -3.63
N SER A 48 -4.39 -7.19 -3.24
CA SER A 48 -3.50 -8.37 -3.18
C SER A 48 -2.96 -8.76 -4.58
N ARG A 49 -1.89 -9.57 -4.57
CA ARG A 49 -1.35 -10.13 -5.83
C ARG A 49 -2.42 -10.84 -6.65
N GLU A 50 -3.20 -11.72 -5.99
CA GLU A 50 -4.19 -12.52 -6.72
C GLU A 50 -5.34 -11.65 -7.25
N ASP A 51 -5.80 -10.66 -6.46
CA ASP A 51 -6.88 -9.78 -6.93
C ASP A 51 -6.39 -8.91 -8.10
N SER A 52 -5.10 -8.53 -8.07
CA SER A 52 -4.48 -7.74 -9.17
C SER A 52 -4.51 -8.53 -10.49
N LEU A 53 -4.03 -9.79 -10.43
CA LEU A 53 -4.03 -10.64 -11.63
C LEU A 53 -5.47 -10.82 -12.15
N GLN A 54 -6.43 -11.13 -11.27
CA GLN A 54 -7.80 -11.35 -11.72
C GLN A 54 -8.38 -10.08 -12.38
N LYS A 55 -8.10 -8.87 -11.86
CA LYS A 55 -8.57 -7.63 -12.51
CA LYS A 55 -8.57 -7.63 -12.51
C LYS A 55 -8.01 -7.51 -13.93
N ILE A 56 -6.73 -7.88 -14.13
CA ILE A 56 -6.13 -7.86 -15.48
C ILE A 56 -6.83 -8.87 -16.41
N LEU A 57 -7.02 -10.11 -15.93
CA LEU A 57 -7.66 -11.17 -16.75
C LEU A 57 -9.11 -10.80 -17.11
N ASP A 58 -9.82 -10.07 -16.21
CA ASP A 58 -11.18 -9.60 -16.48
C ASP A 58 -11.25 -8.65 -17.68
N LEU A 59 -10.19 -7.83 -17.84
N LEU A 59 -10.08 -8.33 -18.28
CA LEU A 59 -10.14 -6.69 -18.78
CA LEU A 59 -10.01 -7.56 -19.55
C LEU A 59 -10.55 -7.14 -20.18
C LEU A 59 -10.11 -8.47 -20.80
N ALA A 60 -10.13 -8.36 -20.54
N ALA A 60 -9.87 -9.77 -20.64
CA ALA A 60 -10.41 -8.95 -21.84
CA ALA A 60 -9.87 -10.73 -21.78
C ALA A 60 -11.32 -10.17 -21.67
C ALA A 60 -11.16 -11.57 -21.75
N ASP A 61 -12.02 -10.23 -20.54
N ASP A 61 -11.51 -12.20 -22.89
CA ASP A 61 -12.85 -11.38 -20.23
CA ASP A 61 -12.72 -13.02 -22.96
C ASP A 61 -12.06 -12.64 -20.59
C ASP A 61 -12.40 -14.47 -22.54
N LYS A 62 -10.79 -12.70 -20.17
N LYS A 62 -11.26 -15.01 -22.98
CA LYS A 62 -9.89 -13.82 -20.51
CA LYS A 62 -10.91 -16.39 -22.69
C LYS A 62 -9.95 -14.88 -19.42
C LYS A 62 -10.28 -16.47 -21.29
N LYS A 63 -10.00 -16.14 -19.88
N LYS A 63 -10.70 -17.49 -20.53
CA LYS A 63 -10.09 -17.38 -19.09
CA LYS A 63 -10.22 -17.74 -19.17
C LYS A 63 -8.82 -18.22 -19.30
C LYS A 63 -8.94 -18.59 -19.21
N VAL A 64 -8.08 -18.41 -18.21
CA VAL A 64 -6.87 -19.23 -18.11
C VAL A 64 -7.17 -20.38 -17.15
N SER A 65 -6.38 -21.44 -17.21
CA SER A 65 -6.53 -22.55 -16.28
C SER A 65 -6.05 -22.16 -14.87
N ALA A 66 -6.46 -22.93 -13.87
CA ALA A 66 -5.97 -22.69 -12.49
C ALA A 66 -4.44 -22.81 -12.42
N GLU A 67 -3.88 -23.78 -13.15
CA GLU A 67 -2.41 -23.98 -13.21
C GLU A 67 -1.73 -22.74 -13.84
N GLU A 68 -2.30 -22.20 -14.92
N GLU A 68 -2.30 -22.25 -14.95
CA GLU A 68 -1.70 -21.04 -15.59
CA GLU A 68 -1.81 -21.04 -15.62
C GLU A 68 -1.84 -19.77 -14.70
C GLU A 68 -1.80 -19.84 -14.65
N PHE A 69 -2.93 -19.65 -13.95
CA PHE A 69 -3.11 -18.50 -13.01
C PHE A 69 -1.93 -18.47 -12.02
N LYS A 70 -1.64 -19.64 -11.42
CA LYS A 70 -0.55 -19.76 -10.44
C LYS A 70 0.80 -19.39 -11.09
N GLU A 71 1.05 -19.91 -12.30
CA GLU A 71 2.31 -19.64 -13.00
C GLU A 71 2.46 -18.14 -13.32
N LEU A 72 1.37 -17.49 -13.75
CA LEU A 72 1.44 -16.07 -14.14
C LEU A 72 1.74 -15.19 -12.92
N ALA A 73 1.06 -15.44 -11.80
CA ALA A 73 1.32 -14.67 -10.55
C ALA A 73 2.79 -14.84 -10.11
N LYS A 74 3.29 -16.07 -10.21
CA LYS A 74 4.69 -16.36 -9.82
C LYS A 74 5.68 -15.66 -10.78
N ARG A 75 5.39 -15.69 -12.09
CA ARG A 75 6.26 -15.02 -13.09
C ARG A 75 6.40 -13.54 -12.78
N LYS A 76 5.26 -12.87 -12.58
CA LYS A 76 5.29 -11.43 -12.28
C LYS A 76 6.04 -11.17 -10.95
N ASN A 77 5.76 -11.96 -9.91
CA ASN A 77 6.45 -11.72 -8.62
C ASN A 77 7.96 -11.95 -8.74
N ASP A 78 8.39 -12.99 -9.46
CA ASP A 78 9.83 -13.24 -9.61
C ASP A 78 10.52 -12.04 -10.31
N ASN A 79 9.86 -11.46 -11.32
CA ASN A 79 10.37 -10.27 -12.02
C ASN A 79 10.47 -9.06 -11.04
N TYR A 80 9.35 -8.75 -10.36
CA TYR A 80 9.31 -7.64 -9.38
C TYR A 80 10.42 -7.81 -8.32
N VAL A 81 10.55 -9.03 -7.77
CA VAL A 81 11.57 -9.27 -6.75
C VAL A 81 12.98 -8.99 -7.28
N LYS A 82 13.28 -9.39 -8.53
CA LYS A 82 14.57 -8.98 -9.14
C LYS A 82 14.70 -7.45 -9.27
N MET A 83 13.61 -6.79 -9.69
CA MET A 83 13.71 -5.30 -9.85
CA MET A 83 13.64 -5.28 -9.83
C MET A 83 14.05 -4.56 -8.54
N ILE A 84 13.60 -5.10 -7.38
CA ILE A 84 13.77 -4.35 -6.08
C ILE A 84 15.06 -4.73 -5.32
N GLN A 85 15.94 -5.60 -5.84
CA GLN A 85 17.12 -6.03 -5.06
C GLN A 85 18.05 -4.85 -4.72
N ASP A 86 18.16 -3.82 -5.58
CA ASP A 86 19.06 -2.67 -5.32
C ASP A 86 18.37 -1.51 -4.58
N VAL A 87 17.10 -1.65 -4.18
CA VAL A 87 16.46 -0.62 -3.32
C VAL A 87 17.32 -0.43 -2.07
N SER A 88 17.46 0.82 -1.62
CA SER A 88 18.37 1.15 -0.50
C SER A 88 17.76 2.27 0.37
N PRO A 89 18.42 2.67 1.49
CA PRO A 89 17.93 3.83 2.24
C PRO A 89 17.80 5.12 1.41
N ALA A 90 18.59 5.27 0.35
CA ALA A 90 18.50 6.45 -0.54
C ALA A 90 17.13 6.56 -1.23
N ASP A 91 16.39 5.44 -1.30
CA ASP A 91 15.09 5.40 -1.98
C ASP A 91 13.91 5.72 -1.04
N VAL A 92 14.15 5.92 0.26
CA VAL A 92 13.06 6.32 1.17
C VAL A 92 12.56 7.72 0.73
N TYR A 93 11.23 7.88 0.61
CA TYR A 93 10.64 9.14 0.12
C TYR A 93 10.93 10.30 1.09
N PRO A 94 10.98 11.55 0.58
CA PRO A 94 11.25 12.73 1.42
C PRO A 94 10.27 12.83 2.61
N GLY A 95 10.82 13.18 3.77
CA GLY A 95 10.03 13.38 4.99
C GLY A 95 9.75 12.13 5.81
N ILE A 96 9.83 10.92 5.21
CA ILE A 96 9.33 9.71 5.87
C ILE A 96 10.26 9.33 7.04
N LEU A 97 11.59 9.33 6.84
CA LEU A 97 12.49 8.97 7.96
C LEU A 97 12.32 9.94 9.13
N GLN A 98 12.24 11.26 8.83
CA GLN A 98 12.04 12.24 9.89
C GLN A 98 10.72 12.00 10.67
N LEU A 99 9.65 11.69 9.93
CA LEU A 99 8.35 11.42 10.56
C LEU A 99 8.47 10.23 11.52
N LEU A 100 9.12 9.15 11.07
CA LEU A 100 9.27 7.96 11.93
C LEU A 100 10.03 8.33 13.23
N LYS A 101 11.10 9.10 13.11
CA LYS A 101 11.90 9.51 14.29
CA LYS A 101 11.90 9.51 14.29
C LYS A 101 11.03 10.38 15.22
N ASP A 102 10.23 11.29 14.66
CA ASP A 102 9.39 12.22 15.48
C ASP A 102 8.25 11.44 16.21
N LEU A 103 7.59 10.51 15.50
CA LEU A 103 6.57 9.66 16.11
C LEU A 103 7.17 8.87 17.29
N ARG A 104 8.36 8.27 17.09
CA ARG A 104 8.97 7.48 18.15
CA ARG A 104 9.06 7.49 18.13
C ARG A 104 9.33 8.37 19.36
N SER A 105 9.91 9.55 19.11
CA SER A 105 10.29 10.48 20.21
C SER A 105 9.05 10.84 21.05
N ASN A 106 7.88 10.96 20.41
CA ASN A 106 6.61 11.34 21.08
C ASN A 106 5.79 10.11 21.53
N LYS A 107 6.36 8.89 21.47
CA LYS A 107 5.73 7.67 22.02
C LYS A 107 4.43 7.34 21.25
N ILE A 108 4.40 7.68 19.96
CA ILE A 108 3.30 7.29 19.05
C ILE A 108 3.68 6.01 18.29
N LYS A 109 2.81 5.00 18.38
CA LYS A 109 3.07 3.67 17.76
C LYS A 109 3.08 3.76 16.22
N ILE A 110 3.87 2.87 15.61
CA ILE A 110 4.09 2.82 14.16
C ILE A 110 3.82 1.37 13.69
N ALA A 111 2.88 1.21 12.72
CA ALA A 111 2.59 -0.13 12.18
C ALA A 111 2.49 -0.09 10.65
N LEU A 112 2.87 -1.22 10.03
CA LEU A 112 2.67 -1.42 8.55
C LEU A 112 1.34 -2.14 8.28
N ALA A 113 0.57 -1.60 7.33
CA ALA A 113 -0.74 -2.13 6.89
C ALA A 113 -0.74 -2.25 5.34
N SER A 114 0.18 -3.07 4.82
CA SER A 114 0.33 -3.34 3.38
C SER A 114 -0.25 -4.73 3.02
N ALA A 115 -0.89 -4.82 1.84
CA ALA A 115 -1.36 -6.12 1.27
C ALA A 115 -0.19 -6.87 0.59
N SER A 116 1.00 -6.24 0.48
CA SER A 116 2.18 -6.87 -0.22
C SER A 116 2.94 -7.84 0.70
N LYS A 117 3.16 -9.07 0.19
CA LYS A 117 3.99 -10.05 0.91
C LYS A 117 5.49 -9.70 0.84
N ASN A 118 5.86 -8.70 0.03
CA ASN A 118 7.25 -8.22 -0.08
C ASN A 118 7.54 -7.07 0.93
N GLY A 119 6.59 -6.75 1.82
CA GLY A 119 6.77 -5.65 2.78
C GLY A 119 7.98 -5.83 3.69
N PRO A 120 8.07 -6.96 4.44
CA PRO A 120 9.23 -7.16 5.33
C PRO A 120 10.60 -7.00 4.64
N PHE A 121 10.76 -7.60 3.46
CA PHE A 121 12.02 -7.50 2.70
C PHE A 121 12.32 -6.04 2.37
N LEU A 122 11.33 -5.28 1.91
CA LEU A 122 11.59 -3.87 1.54
C LEU A 122 11.94 -3.00 2.76
N LEU A 123 11.29 -3.22 3.91
CA LEU A 123 11.68 -2.44 5.13
C LEU A 123 13.13 -2.75 5.52
N GLU A 124 13.58 -4.00 5.33
CA GLU A 124 15.00 -4.39 5.56
C GLU A 124 15.92 -3.66 4.56
N ARG A 125 15.56 -3.68 3.26
CA ARG A 125 16.37 -3.00 2.23
C ARG A 125 16.60 -1.52 2.60
N MET A 126 15.56 -0.87 3.15
CA MET A 126 15.60 0.58 3.45
C MET A 126 16.07 0.88 4.90
N ASN A 127 16.48 -0.15 5.66
CA ASN A 127 16.92 0.01 7.06
C ASN A 127 15.84 0.71 7.90
N LEU A 128 14.58 0.30 7.73
CA LEU A 128 13.45 0.88 8.47
C LEU A 128 12.81 -0.08 9.50
N THR A 129 13.17 -1.37 9.50
CA THR A 129 12.49 -2.36 10.37
C THR A 129 12.45 -1.91 11.84
N GLY A 130 13.57 -1.36 12.33
CA GLY A 130 13.72 -0.95 13.72
C GLY A 130 12.78 0.16 14.16
N TYR A 131 12.21 0.93 13.20
CA TYR A 131 11.28 1.99 13.55
C TYR A 131 9.84 1.46 13.73
N PHE A 132 9.54 0.27 13.16
CA PHE A 132 8.18 -0.27 13.17
C PHE A 132 7.93 -1.12 14.43
N ASP A 133 6.85 -0.79 15.15
CA ASP A 133 6.40 -1.56 16.31
C ASP A 133 5.71 -2.86 15.87
N ALA A 134 5.03 -2.86 14.71
CA ALA A 134 4.39 -4.08 14.17
C ALA A 134 4.28 -3.99 12.63
N ILE A 135 4.26 -5.19 12.02
CA ILE A 135 3.93 -5.39 10.63
C ILE A 135 2.71 -6.33 10.60
N ALA A 136 1.55 -5.84 10.13
CA ALA A 136 0.37 -6.72 10.00
C ALA A 136 0.61 -7.69 8.84
N ASP A 137 0.49 -9.00 9.10
CA ASP A 137 0.74 -10.02 8.08
C ASP A 137 -0.48 -10.10 7.15
N PRO A 138 -0.32 -9.80 5.84
CA PRO A 138 -1.50 -9.78 4.97
C PRO A 138 -2.13 -11.17 4.74
N ALA A 139 -1.40 -12.25 4.99
CA ALA A 139 -1.92 -13.60 4.86
C ALA A 139 -2.78 -14.00 6.07
N GLU A 140 -2.77 -13.24 7.18
CA GLU A 140 -3.52 -13.62 8.39
C GLU A 140 -4.97 -13.07 8.38
N VAL A 141 -5.26 -12.04 7.58
CA VAL A 141 -6.64 -11.48 7.53
C VAL A 141 -7.52 -12.34 6.62
N ALA A 142 -8.83 -12.38 6.95
CA ALA A 142 -9.82 -13.12 6.15
C ALA A 142 -10.19 -12.37 4.85
N ALA A 143 -10.07 -11.04 4.84
CA ALA A 143 -10.52 -10.22 3.70
C ALA A 143 -9.47 -9.12 3.47
N SER A 144 -8.96 -9.03 2.24
CA SER A 144 -7.93 -8.06 1.87
C SER A 144 -8.54 -6.73 1.36
N LYS A 145 -7.69 -5.70 1.18
CA LYS A 145 -8.18 -4.34 0.75
C LYS A 145 -9.05 -4.51 -0.52
N PRO A 146 -10.20 -3.79 -0.62
CA PRO A 146 -10.62 -2.66 0.21
C PRO A 146 -11.33 -2.98 1.53
N ALA A 147 -11.41 -4.27 1.92
CA ALA A 147 -11.89 -4.59 3.28
C ALA A 147 -10.97 -3.95 4.32
N PRO A 148 -11.51 -3.54 5.50
CA PRO A 148 -10.71 -2.83 6.52
C PRO A 148 -9.80 -3.69 7.41
N ASP A 149 -9.90 -5.03 7.28
CA ASP A 149 -9.26 -6.00 8.21
C ASP A 149 -7.78 -5.65 8.48
N ILE A 150 -6.99 -5.34 7.43
CA ILE A 150 -5.54 -5.15 7.62
C ILE A 150 -5.24 -3.91 8.48
N PHE A 151 -6.03 -2.83 8.35
CA PHE A 151 -5.83 -1.63 9.20
C PHE A 151 -6.26 -1.92 10.65
N ILE A 152 -7.36 -2.64 10.85
CA ILE A 152 -7.83 -3.05 12.19
C ILE A 152 -6.75 -3.91 12.86
N ALA A 153 -6.18 -4.86 12.09
CA ALA A 153 -5.14 -5.75 12.61
C ALA A 153 -3.87 -4.96 13.00
N ALA A 154 -3.48 -4.00 12.18
CA ALA A 154 -2.27 -3.17 12.46
C ALA A 154 -2.43 -2.37 13.77
N ALA A 155 -3.61 -1.77 13.95
CA ALA A 155 -3.91 -1.01 15.18
C ALA A 155 -3.87 -1.97 16.40
N HIS A 156 -4.56 -3.11 16.29
CA HIS A 156 -4.63 -4.08 17.39
C HIS A 156 -3.23 -4.61 17.76
N ALA A 157 -2.37 -4.78 16.75
CA ALA A 157 -1.01 -5.30 16.96
C ALA A 157 -0.15 -4.36 17.82
N VAL A 158 -0.50 -3.07 17.86
CA VAL A 158 0.24 -2.07 18.70
C VAL A 158 -0.60 -1.60 19.89
N GLY A 159 -1.70 -2.29 20.19
CA GLY A 159 -2.46 -2.05 21.43
C GLY A 159 -3.33 -0.81 21.39
N VAL A 160 -3.75 -0.38 20.18
CA VAL A 160 -4.50 0.89 20.00
C VAL A 160 -5.78 0.57 19.22
N ALA A 161 -6.85 1.33 19.47
CA ALA A 161 -8.10 1.22 18.71
C ALA A 161 -7.94 1.85 17.34
N PRO A 162 -8.55 1.31 16.26
CA PRO A 162 -8.54 2.01 14.97
C PRO A 162 -9.00 3.48 15.09
N SER A 163 -10.00 3.73 15.94
CA SER A 163 -10.54 5.10 16.11
C SER A 163 -9.54 6.08 16.75
N GLU A 164 -8.41 5.57 17.29
CA GLU A 164 -7.34 6.42 17.84
C GLU A 164 -6.11 6.43 16.91
N SER A 165 -6.33 6.09 15.61
CA SER A 165 -5.23 5.96 14.62
C SER A 165 -5.45 6.83 13.39
N ILE A 166 -4.33 7.21 12.74
CA ILE A 166 -4.28 7.78 11.39
C ILE A 166 -3.75 6.71 10.43
N GLY A 167 -4.30 6.64 9.20
CA GLY A 167 -3.76 5.82 8.12
C GLY A 167 -3.25 6.68 6.97
N LEU A 168 -2.09 6.27 6.42
CA LEU A 168 -1.43 6.99 5.30
C LEU A 168 -1.44 6.07 4.05
N GLU A 169 -2.00 6.58 2.94
CA GLU A 169 -2.27 5.75 1.71
C GLU A 169 -2.07 6.58 0.43
N ASN A 170 -1.68 5.86 -0.65
CA ASN A 170 -1.63 6.37 -2.06
C ASN A 170 -2.65 5.61 -2.96
N SER A 171 -3.48 4.70 -2.41
CA SER A 171 -4.36 3.85 -3.24
C SER A 171 -5.85 4.13 -2.98
N GLN A 172 -6.66 3.97 -4.03
CA GLN A 172 -8.13 4.04 -3.91
C GLN A 172 -8.63 2.93 -2.94
N ALA A 173 -8.17 1.68 -3.13
CA ALA A 173 -8.65 0.57 -2.29
C ALA A 173 -8.28 0.80 -0.83
N GLY A 174 -7.07 1.31 -0.59
CA GLY A 174 -6.63 1.53 0.77
C GLY A 174 -7.31 2.70 1.48
N ILE A 175 -7.67 3.76 0.75
CA ILE A 175 -8.45 4.85 1.35
CA ILE A 175 -8.45 4.86 1.36
C ILE A 175 -9.80 4.29 1.84
N GLN A 176 -10.45 3.46 1.02
CA GLN A 176 -11.73 2.82 1.41
C GLN A 176 -11.56 1.92 2.65
N ALA A 177 -10.46 1.14 2.71
CA ALA A 177 -10.16 0.28 3.85
C ALA A 177 -10.00 1.11 5.13
N ILE A 178 -9.28 2.23 5.04
CA ILE A 178 -9.10 3.12 6.23
C ILE A 178 -10.47 3.64 6.67
N LYS A 179 -11.27 4.16 5.73
CA LYS A 179 -12.60 4.71 6.07
C LYS A 179 -13.44 3.67 6.86
N ASP A 180 -13.46 2.42 6.39
CA ASP A 180 -14.32 1.38 6.98
C ASP A 180 -13.71 0.80 8.27
N SER A 181 -12.44 1.12 8.57
CA SER A 181 -11.78 0.65 9.82
C SER A 181 -12.14 1.49 11.05
N GLY A 182 -12.50 2.76 10.82
CA GLY A 182 -12.69 3.75 11.90
C GLY A 182 -11.51 4.69 12.10
N ALA A 183 -10.35 4.41 11.47
CA ALA A 183 -9.19 5.32 11.48
C ALA A 183 -9.41 6.53 10.56
N LEU A 184 -8.56 7.56 10.71
CA LEU A 184 -8.63 8.79 9.93
C LEU A 184 -7.67 8.71 8.74
N PRO A 185 -8.15 8.78 7.47
CA PRO A 185 -7.23 8.72 6.32
C PRO A 185 -6.61 10.09 5.97
N ILE A 186 -5.31 10.06 5.62
CA ILE A 186 -4.64 11.18 4.94
C ILE A 186 -3.94 10.62 3.70
N GLY A 187 -4.41 10.98 2.51
CA GLY A 187 -3.83 10.47 1.27
C GLY A 187 -2.67 11.30 0.77
N VAL A 188 -1.84 10.67 -0.07
CA VAL A 188 -0.77 11.35 -0.80
C VAL A 188 -0.93 11.00 -2.28
N GLY A 189 -0.96 12.05 -3.12
CA GLY A 189 -1.21 11.88 -4.56
C GLY A 189 -2.14 12.95 -5.11
N ARG A 190 -2.88 12.59 -6.17
CA ARG A 190 -3.75 13.53 -6.90
C ARG A 190 -5.20 13.37 -6.46
N PRO A 191 -5.97 14.46 -6.14
CA PRO A 191 -7.39 14.30 -5.85
C PRO A 191 -8.19 13.71 -7.04
N GLU A 192 -7.72 13.91 -8.28
CA GLU A 192 -8.33 13.28 -9.49
C GLU A 192 -8.34 11.75 -9.37
N ASP A 193 -7.34 11.20 -8.67
CA ASP A 193 -7.24 9.74 -8.41
C ASP A 193 -7.91 9.31 -7.09
N LEU A 194 -7.71 10.09 -6.02
CA LEU A 194 -8.03 9.61 -4.66
C LEU A 194 -9.31 10.24 -4.06
N GLY A 195 -9.85 11.29 -4.68
CA GLY A 195 -11.11 11.92 -4.27
C GLY A 195 -10.92 13.31 -3.66
N ASP A 196 -12.02 14.07 -3.60
CA ASP A 196 -12.02 15.46 -3.09
C ASP A 196 -12.65 15.51 -1.67
N ASP A 197 -12.89 14.36 -1.04
CA ASP A 197 -13.69 14.27 0.21
C ASP A 197 -12.85 13.97 1.46
N ILE A 198 -11.54 13.71 1.31
CA ILE A 198 -10.64 13.49 2.45
C ILE A 198 -9.43 14.43 2.30
N VAL A 199 -8.62 14.51 3.36
CA VAL A 199 -7.40 15.32 3.29
C VAL A 199 -6.37 14.59 2.40
N ILE A 200 -5.83 15.30 1.41
CA ILE A 200 -4.84 14.76 0.45
C ILE A 200 -3.68 15.76 0.38
N VAL A 201 -2.45 15.25 0.45
CA VAL A 201 -1.24 16.09 0.26
C VAL A 201 -0.57 15.73 -1.06
N PRO A 202 0.16 16.69 -1.70
CA PRO A 202 0.71 16.43 -3.03
C PRO A 202 1.98 15.57 -3.06
N ASP A 203 2.74 15.52 -1.95
CA ASP A 203 3.96 14.72 -1.85
C ASP A 203 4.22 14.43 -0.37
N THR A 204 5.07 13.43 -0.12
CA THR A 204 5.30 12.94 1.24
C THR A 204 6.03 13.95 2.16
N SER A 205 6.72 14.97 1.61
CA SER A 205 7.36 15.96 2.50
C SER A 205 6.30 16.66 3.39
N HIS A 206 5.02 16.66 2.96
CA HIS A 206 3.91 17.24 3.73
C HIS A 206 3.49 16.40 4.96
N TYR A 207 3.92 15.12 5.04
CA TYR A 207 3.60 14.25 6.17
C TYR A 207 4.55 14.57 7.33
N THR A 208 4.36 15.74 7.96
CA THR A 208 5.06 16.10 9.21
C THR A 208 4.16 15.75 10.40
N LEU A 209 4.78 15.52 11.58
CA LEU A 209 3.98 15.27 12.80
C LEU A 209 3.05 16.46 13.09
N GLU A 210 3.56 17.67 12.88
CA GLU A 210 2.79 18.90 13.14
C GLU A 210 1.53 18.98 12.24
N PHE A 211 1.66 18.60 10.95
CA PHE A 211 0.48 18.57 10.04
C PHE A 211 -0.54 17.50 10.46
N LEU A 212 -0.05 16.28 10.77
CA LEU A 212 -0.92 15.18 11.23
C LEU A 212 -1.74 15.63 12.46
N LYS A 213 -1.07 16.27 13.41
CA LYS A 213 -1.73 16.70 14.68
C LYS A 213 -2.87 17.71 14.40
N GLU A 214 -2.61 18.66 13.50
CA GLU A 214 -3.63 19.64 13.09
C GLU A 214 -4.81 18.97 12.40
N VAL A 215 -4.55 18.06 11.45
CA VAL A 215 -5.63 17.31 10.80
C VAL A 215 -6.50 16.60 11.86
N TRP A 216 -5.84 15.99 12.86
CA TRP A 216 -6.56 15.28 13.94
C TRP A 216 -7.48 16.24 14.71
N LEU A 217 -6.91 17.38 15.07
CA LEU A 217 -7.63 18.42 15.84
C LEU A 217 -8.89 18.87 15.09
N GLN A 218 -8.79 18.98 13.76
CA GLN A 218 -9.88 19.56 12.93
C GLN A 218 -10.88 18.49 12.43
N LYS A 219 -10.69 17.20 12.71
CA LYS A 219 -11.47 16.14 12.04
C LYS A 219 -12.97 16.25 12.39
#